data_9VNX
#
_entry.id   9VNX
#
_cell.length_a   61.664
_cell.length_b   61.664
_cell.length_c   155.779
_cell.angle_alpha   90.000
_cell.angle_beta   90.000
_cell.angle_gamma   90.000
#
_symmetry.space_group_name_H-M   'P 41 21 2'
#
loop_
_entity.id
_entity.type
_entity.pdbx_description
1 polymer 'Nuclear receptor ROR-gamma'
2 polymer 'Nuclear receptor coactivator 1'
3 non-polymer (2~{R})-~{N}-[5-(5-cyano-6-propan-2-yloxy-pyridin-3-yl)-1-(trifluoromethyl)pyrazol-3-yl]-1-ethanoyl-4-propan-2-ylsulfonyl-piperazine-2-carboxamide
4 non-polymer 1,2-ETHANEDIOL
5 non-polymer 'ACETATE ION'
6 water water
#
loop_
_entity_poly.entity_id
_entity_poly.type
_entity_poly.pdbx_seq_one_letter_code
_entity_poly.pdbx_strand_id
1 'polypeptide(L)'
;EAPYASLTEIEHLVQSVCKSYRETCQLRLEDLLRQRSNIFSREEVTGYQRKSMWEMWERCAHHLTEAIQYVVEFAKRLSG
FMELCQNDQIVLLKAGAMEVVLVRMCRAYNADNRTVFFEGKYGGMELFRALGCSELISSIFDFSHSLSALHFSEDEIALY
TALVLINAHRPGLQEKRKVEQLQYNLELAFHHHLCKTHRQSILAKLPPAGKLASLCSQHVERLQIFQHLHPIVVQAAFPP
LYKELFSTETESPVGLSK
;
A
2 'polypeptide(L)' RHKILHRLLQEGSPS B
#
loop_
_chem_comp.id
_chem_comp.type
_chem_comp.name
_chem_comp.formula
A1MAM non-polymer (2~{R})-~{N}-[5-(5-cyano-6-propan-2-yloxy-pyridin-3-yl)-1-(trifluoromethyl)pyrazol-3-yl]-1-ethanoyl-4-propan-2-ylsulfonyl-piperazine-2-carboxamide 'C23 H28 F3 N7 O5 S'
ACT non-polymer 'ACETATE ION' 'C2 H3 O2 -1'
EDO non-polymer 1,2-ETHANEDIOL 'C2 H6 O2'
#
# COMPACT_ATOMS: atom_id res chain seq x y z
N SER A 6 3.56 -11.02 28.15
CA SER A 6 2.19 -11.37 28.52
C SER A 6 1.32 -11.62 27.30
N LEU A 7 0.57 -12.73 27.32
CA LEU A 7 -0.39 -12.99 26.26
C LEU A 7 -1.44 -11.91 26.18
N THR A 8 -1.88 -11.39 27.34
CA THR A 8 -2.88 -10.33 27.35
C THR A 8 -2.35 -9.08 26.67
N GLU A 9 -1.08 -8.72 26.92
CA GLU A 9 -0.50 -7.55 26.29
C GLU A 9 -0.38 -7.74 24.78
N ILE A 10 -0.04 -8.95 24.34
CA ILE A 10 0.05 -9.24 22.92
C ILE A 10 -1.32 -9.11 22.26
N GLU A 11 -2.36 -9.64 22.92
CA GLU A 11 -3.69 -9.58 22.33
C GLU A 11 -4.25 -8.17 22.36
N HIS A 12 -3.86 -7.36 23.35
CA HIS A 12 -4.28 -5.97 23.33
C HIS A 12 -3.66 -5.23 22.15
N LEU A 13 -2.41 -5.57 21.80
CA LEU A 13 -1.79 -4.97 20.63
C LEU A 13 -2.51 -5.39 19.35
N VAL A 14 -2.90 -6.67 19.26
CA VAL A 14 -3.66 -7.14 18.10
C VAL A 14 -4.93 -6.32 17.92
N GLN A 15 -5.70 -6.16 19.00
CA GLN A 15 -6.92 -5.38 18.93
C GLN A 15 -6.65 -3.93 18.55
N SER A 16 -5.58 -3.35 19.12
CA SER A 16 -5.26 -1.96 18.84
C SER A 16 -4.87 -1.76 17.39
N VAL A 17 -4.06 -2.67 16.84
CA VAL A 17 -3.63 -2.54 15.44
C VAL A 17 -4.81 -2.74 14.50
N CYS A 18 -5.67 -3.72 14.78
CA CYS A 18 -6.82 -3.97 13.92
C CYS A 18 -7.78 -2.78 13.95
N LYS A 19 -7.98 -2.19 15.14
CA LYS A 19 -8.82 -1.00 15.23
C LYS A 19 -8.21 0.17 14.46
N SER A 20 -6.89 0.36 14.58
CA SER A 20 -6.25 1.46 13.86
C SER A 20 -6.40 1.29 12.36
N TYR A 21 -6.32 0.05 11.87
CA TYR A 21 -6.49 -0.18 10.44
C TYR A 21 -7.93 0.07 10.01
N ARG A 22 -8.91 -0.43 10.79
CA ARG A 22 -10.31 -0.21 10.42
C ARG A 22 -10.64 1.27 10.34
N GLU A 23 -10.04 2.09 11.19
CA GLU A 23 -10.28 3.53 11.21
C GLU A 23 -9.59 4.25 10.05
N THR A 24 -8.66 3.60 9.35
CA THR A 24 -7.86 4.26 8.33
C THR A 24 -7.82 3.47 7.02
N CYS A 25 -8.72 2.50 6.84
CA CYS A 25 -8.66 1.61 5.69
C CYS A 25 -9.08 2.27 4.38
N GLN A 26 -9.42 3.55 4.40
CA GLN A 26 -9.80 4.37 3.24
C GLN A 26 -11.14 3.95 2.66
N LEU A 27 -11.28 2.68 2.30
CA LEU A 27 -12.54 2.14 1.80
C LEU A 27 -12.91 0.91 2.60
N ARG A 28 -14.14 0.86 3.10
CA ARG A 28 -14.62 -0.33 3.77
C ARG A 28 -14.64 -1.50 2.78
N LEU A 29 -14.29 -2.69 3.27
CA LEU A 29 -14.22 -3.85 2.39
C LEU A 29 -15.56 -4.13 1.73
N GLU A 30 -16.65 -4.00 2.49
CA GLU A 30 -17.97 -4.28 1.94
C GLU A 30 -18.31 -3.38 0.76
N ASP A 31 -17.85 -2.13 0.78
CA ASP A 31 -18.13 -1.23 -0.33
C ASP A 31 -17.39 -1.67 -1.59
N LEU A 32 -16.17 -2.19 -1.43
CA LEU A 32 -15.42 -2.69 -2.58
C LEU A 32 -16.06 -3.96 -3.13
N LEU A 33 -16.51 -4.86 -2.25
CA LEU A 33 -17.12 -6.10 -2.73
C LEU A 33 -18.46 -5.83 -3.43
N ARG A 34 -19.25 -4.89 -2.91
CA ARG A 34 -20.56 -4.62 -3.49
C ARG A 34 -20.47 -3.99 -4.87
N GLN A 35 -19.31 -3.50 -5.29
CA GLN A 35 -19.12 -2.91 -6.59
C GLN A 35 -18.54 -3.87 -7.62
N ARG A 36 -18.37 -5.15 -7.25
CA ARG A 36 -17.63 -6.08 -8.10
C ARG A 36 -18.33 -6.33 -9.43
N SER A 37 -19.65 -6.19 -9.48
CA SER A 37 -20.38 -6.35 -10.73
C SER A 37 -20.39 -5.08 -11.57
N ASN A 38 -19.85 -3.98 -11.06
CA ASN A 38 -19.76 -2.72 -11.78
C ASN A 38 -18.42 -2.71 -12.52
N ILE A 39 -18.45 -3.13 -13.79
CA ILE A 39 -17.25 -3.38 -14.56
C ILE A 39 -17.23 -2.45 -15.77
N PHE A 40 -16.04 -1.90 -16.07
CA PHE A 40 -15.91 -1.01 -17.21
C PHE A 40 -16.27 -1.72 -18.51
N SER A 41 -17.00 -1.02 -19.37
CA SER A 41 -17.30 -1.54 -20.69
C SER A 41 -16.05 -1.47 -21.58
N ARG A 42 -16.12 -2.14 -22.73
CA ARG A 42 -15.03 -2.07 -23.69
C ARG A 42 -14.80 -0.64 -24.16
N GLU A 43 -15.88 0.12 -24.33
CA GLU A 43 -15.75 1.52 -24.74
C GLU A 43 -15.06 2.34 -23.65
N GLU A 44 -15.40 2.09 -22.39
CA GLU A 44 -14.72 2.79 -21.30
C GLU A 44 -13.25 2.38 -21.21
N VAL A 45 -12.96 1.10 -21.41
CA VAL A 45 -11.58 0.64 -21.40
C VAL A 45 -10.80 1.30 -22.53
N THR A 46 -11.40 1.38 -23.72
CA THR A 46 -10.75 2.08 -24.83
C THR A 46 -10.52 3.55 -24.51
N GLY A 47 -11.48 4.18 -23.84
CA GLY A 47 -11.31 5.57 -23.45
C GLY A 47 -10.12 5.78 -22.54
N TYR A 48 -9.94 4.89 -21.57
CA TYR A 48 -8.76 4.97 -20.71
C TYR A 48 -7.48 4.76 -21.50
N GLN A 49 -7.50 3.80 -22.45
CA GLN A 49 -6.32 3.53 -23.24
C GLN A 49 -5.96 4.69 -24.15
N ARG A 50 -6.96 5.47 -24.58
CA ARG A 50 -6.71 6.60 -25.46
C ARG A 50 -6.26 7.85 -24.71
N LYS A 51 -6.35 7.86 -23.38
CA LYS A 51 -5.86 9.00 -22.62
C LYS A 51 -4.36 9.14 -22.76
N SER A 52 -3.89 10.38 -22.72
CA SER A 52 -2.46 10.62 -22.82
C SER A 52 -1.74 9.99 -21.64
N MET A 53 -0.47 9.68 -21.85
CA MET A 53 0.34 9.11 -20.78
C MET A 53 0.39 10.04 -19.57
N TRP A 54 0.58 11.35 -19.80
CA TRP A 54 0.76 12.26 -18.68
C TRP A 54 -0.53 12.43 -17.88
N GLU A 55 -1.69 12.42 -18.55
N GLU A 55 -1.69 12.43 -18.56
CA GLU A 55 -2.95 12.56 -17.83
CA GLU A 55 -2.94 12.56 -17.83
C GLU A 55 -3.28 11.31 -17.03
C GLU A 55 -3.24 11.31 -17.01
N MET A 56 -2.95 10.14 -17.56
CA MET A 56 -3.13 8.91 -16.80
C MET A 56 -2.17 8.86 -15.61
N TRP A 57 -0.93 9.31 -15.82
CA TRP A 57 0.01 9.39 -14.70
C TRP A 57 -0.47 10.35 -13.63
N GLU A 58 -0.97 11.51 -14.03
CA GLU A 58 -1.45 12.49 -13.07
C GLU A 58 -2.59 11.94 -12.23
N ARG A 59 -3.58 11.32 -12.89
CA ARG A 59 -4.71 10.75 -12.16
C ARG A 59 -4.25 9.63 -11.23
N CYS A 60 -3.37 8.77 -11.71
CA CYS A 60 -2.89 7.67 -10.88
C CYS A 60 -2.05 8.17 -9.72
N ALA A 61 -1.20 9.18 -9.96
CA ALA A 61 -0.44 9.76 -8.85
C ALA A 61 -1.35 10.40 -7.82
N HIS A 62 -2.44 11.03 -8.28
CA HIS A 62 -3.42 11.58 -7.35
C HIS A 62 -4.03 10.49 -6.48
N HIS A 63 -4.46 9.38 -7.10
CA HIS A 63 -5.06 8.29 -6.33
C HIS A 63 -4.05 7.69 -5.35
N LEU A 64 -2.80 7.53 -5.79
CA LEU A 64 -1.77 7.02 -4.88
C LEU A 64 -1.53 7.98 -3.73
N THR A 65 -1.55 9.29 -4.00
CA THR A 65 -1.31 10.26 -2.94
C THR A 65 -2.40 10.20 -1.87
N GLU A 66 -3.66 10.12 -2.28
CA GLU A 66 -4.75 10.04 -1.32
C GLU A 66 -4.66 8.76 -0.50
N ALA A 67 -4.31 7.64 -1.14
CA ALA A 67 -4.16 6.38 -0.42
C ALA A 67 -3.01 6.45 0.58
N ILE A 68 -1.92 7.12 0.20
CA ILE A 68 -0.79 7.29 1.11
C ILE A 68 -1.20 8.12 2.33
N GLN A 69 -2.08 9.10 2.13
CA GLN A 69 -2.53 9.92 3.24
C GLN A 69 -3.23 9.08 4.31
N TYR A 70 -3.99 8.08 3.90
CA TYR A 70 -4.62 7.19 4.88
C TYR A 70 -3.59 6.31 5.57
N VAL A 71 -2.52 5.93 4.87
CA VAL A 71 -1.46 5.16 5.49
C VAL A 71 -0.76 5.99 6.58
N VAL A 72 -0.56 7.28 6.30
CA VAL A 72 0.05 8.15 7.32
C VAL A 72 -0.83 8.21 8.57
N GLU A 73 -2.15 8.33 8.39
CA GLU A 73 -3.04 8.32 9.54
C GLU A 73 -3.01 6.99 10.26
N PHE A 74 -2.90 5.88 9.52
CA PHE A 74 -2.71 4.57 10.13
C PHE A 74 -1.47 4.55 11.01
N ALA A 75 -0.35 5.07 10.49
CA ALA A 75 0.87 5.16 11.28
C ALA A 75 0.65 5.98 12.54
N LYS A 76 -0.04 7.12 12.42
CA LYS A 76 -0.25 8.00 13.56
C LYS A 76 -1.11 7.36 14.64
N ARG A 77 -1.89 6.34 14.30
CA ARG A 77 -2.70 5.64 15.29
C ARG A 77 -2.00 4.40 15.86
N LEU A 78 -0.76 4.13 15.44
CA LEU A 78 0.05 3.08 16.05
C LEU A 78 0.83 3.70 17.20
N SER A 79 0.52 3.28 18.43
CA SER A 79 1.09 3.92 19.61
C SER A 79 2.61 3.89 19.60
N GLY A 80 3.20 2.75 19.22
CA GLY A 80 4.65 2.66 19.17
C GLY A 80 5.27 3.55 18.12
N PHE A 81 4.55 3.77 17.01
CA PHE A 81 5.09 4.61 15.94
C PHE A 81 5.27 6.05 16.39
N MET A 82 4.28 6.61 17.09
CA MET A 82 4.39 7.99 17.54
C MET A 82 5.37 8.16 18.69
N GLU A 83 5.83 7.05 19.30
CA GLU A 83 6.90 7.12 20.29
C GLU A 83 8.27 7.30 19.65
N LEU A 84 8.44 6.90 18.39
CA LEU A 84 9.69 7.08 17.70
C LEU A 84 9.97 8.56 17.46
N CYS A 85 11.24 8.90 17.35
CA CYS A 85 11.60 10.26 16.98
C CYS A 85 11.11 10.56 15.57
N GLN A 86 10.95 11.86 15.27
CA GLN A 86 10.37 12.25 14.00
C GLN A 86 11.23 11.81 12.82
N ASN A 87 12.55 11.78 12.99
CA ASN A 87 13.42 11.29 11.92
C ASN A 87 13.07 9.88 11.54
N ASP A 88 12.90 9.00 12.54
CA ASP A 88 12.58 7.61 12.27
C ASP A 88 11.15 7.45 11.75
N GLN A 89 10.22 8.29 12.23
CA GLN A 89 8.87 8.29 11.67
C GLN A 89 8.92 8.56 10.16
N ILE A 90 9.70 9.56 9.76
CA ILE A 90 9.80 9.93 8.35
C ILE A 90 10.48 8.82 7.56
N VAL A 91 11.57 8.26 8.11
CA VAL A 91 12.28 7.18 7.42
C VAL A 91 11.34 6.00 7.16
N LEU A 92 10.60 5.58 8.19
CA LEU A 92 9.69 4.46 8.03
C LEU A 92 8.59 4.76 7.02
N LEU A 93 8.05 5.98 7.04
CA LEU A 93 6.98 6.31 6.12
C LEU A 93 7.48 6.45 4.69
N LYS A 94 8.64 7.11 4.49
CA LYS A 94 9.17 7.24 3.14
C LYS A 94 9.49 5.87 2.54
N ALA A 95 9.95 4.93 3.36
CA ALA A 95 10.33 3.61 2.87
C ALA A 95 9.15 2.65 2.79
N GLY A 96 8.11 2.83 3.60
CA GLY A 96 7.09 1.82 3.72
C GLY A 96 5.67 2.20 3.34
N ALA A 97 5.40 3.50 3.16
CA ALA A 97 4.03 3.93 2.91
C ALA A 97 3.49 3.35 1.60
N MET A 98 4.30 3.40 0.54
CA MET A 98 3.85 2.85 -0.74
C MET A 98 3.71 1.33 -0.66
N GLU A 99 4.60 0.66 0.08
CA GLU A 99 4.47 -0.77 0.28
C GLU A 99 3.14 -1.10 0.96
N VAL A 100 2.75 -0.31 1.95
CA VAL A 100 1.46 -0.53 2.61
C VAL A 100 0.33 -0.36 1.62
N VAL A 101 0.39 0.69 0.78
CA VAL A 101 -0.64 0.90 -0.23
C VAL A 101 -0.75 -0.31 -1.15
N LEU A 102 0.40 -0.83 -1.59
CA LEU A 102 0.39 -1.98 -2.51
C LEU A 102 -0.26 -3.20 -1.86
N VAL A 103 -0.01 -3.41 -0.57
CA VAL A 103 -0.69 -4.50 0.13
C VAL A 103 -2.18 -4.22 0.23
N ARG A 104 -2.54 -2.98 0.58
CA ARG A 104 -3.95 -2.62 0.71
C ARG A 104 -4.72 -2.82 -0.60
N MET A 105 -4.02 -2.74 -1.73
CA MET A 105 -4.68 -2.87 -3.04
C MET A 105 -5.32 -4.23 -3.25
N CYS A 106 -4.91 -5.26 -2.51
CA CYS A 106 -5.51 -6.57 -2.73
C CYS A 106 -7.00 -6.58 -2.39
N ARG A 107 -7.45 -5.68 -1.51
CA ARG A 107 -8.88 -5.60 -1.21
C ARG A 107 -9.68 -5.06 -2.39
N ALA A 108 -9.06 -4.23 -3.23
CA ALA A 108 -9.72 -3.68 -4.40
C ALA A 108 -9.56 -4.56 -5.63
N TYR A 109 -8.93 -5.72 -5.48
CA TYR A 109 -8.68 -6.64 -6.58
C TYR A 109 -9.64 -7.81 -6.51
N ASN A 110 -10.23 -8.16 -7.65
CA ASN A 110 -11.17 -9.28 -7.75
C ASN A 110 -10.43 -10.42 -8.43
N ALA A 111 -10.09 -11.47 -7.67
CA ALA A 111 -9.36 -12.59 -8.22
C ALA A 111 -10.21 -13.44 -9.15
N ASP A 112 -11.55 -13.36 -9.05
CA ASP A 112 -12.41 -14.19 -9.87
C ASP A 112 -12.35 -13.79 -11.34
N ASN A 113 -12.19 -12.51 -11.64
CA ASN A 113 -12.09 -12.04 -13.02
C ASN A 113 -10.83 -11.22 -13.29
N ARG A 114 -9.93 -11.11 -12.31
CA ARG A 114 -8.66 -10.41 -12.46
C ARG A 114 -8.89 -8.94 -12.84
N THR A 115 -9.70 -8.26 -12.03
CA THR A 115 -9.95 -6.84 -12.20
C THR A 115 -9.65 -6.12 -10.89
N VAL A 116 -9.45 -4.81 -10.99
CA VAL A 116 -9.17 -3.98 -9.84
C VAL A 116 -10.12 -2.79 -9.87
N PHE A 117 -10.53 -2.34 -8.68
CA PHE A 117 -11.38 -1.18 -8.58
C PHE A 117 -10.57 0.08 -8.90
N PHE A 118 -11.05 0.86 -9.85
CA PHE A 118 -10.37 2.08 -10.28
C PHE A 118 -11.39 3.10 -10.75
N GLU A 119 -11.47 4.23 -10.05
CA GLU A 119 -12.31 5.36 -10.43
C GLU A 119 -13.76 4.93 -10.67
N GLY A 120 -14.29 4.12 -9.76
CA GLY A 120 -15.71 3.84 -9.70
C GLY A 120 -16.14 2.50 -10.27
N LYS A 121 -15.29 1.83 -11.05
CA LYS A 121 -15.64 0.54 -11.62
C LYS A 121 -14.42 -0.38 -11.56
N TYR A 122 -14.65 -1.66 -11.86
CA TYR A 122 -13.59 -2.66 -11.93
C TYR A 122 -13.12 -2.82 -13.37
N GLY A 123 -11.80 -2.88 -13.55
CA GLY A 123 -11.23 -3.06 -14.87
C GLY A 123 -10.00 -3.94 -14.80
N GLY A 124 -9.71 -4.59 -15.92
CA GLY A 124 -8.51 -5.39 -16.05
C GLY A 124 -7.28 -4.51 -16.17
N MET A 125 -6.12 -5.16 -16.22
CA MET A 125 -4.88 -4.41 -16.30
C MET A 125 -4.73 -3.68 -17.63
N GLU A 126 -5.47 -4.09 -18.66
N GLU A 126 -5.47 -4.08 -18.66
CA GLU A 126 -5.47 -3.38 -19.93
CA GLU A 126 -5.42 -3.36 -19.93
C GLU A 126 -5.92 -1.93 -19.79
C GLU A 126 -5.93 -1.93 -19.79
N LEU A 127 -6.65 -1.62 -18.70
CA LEU A 127 -7.13 -0.26 -18.49
C LEU A 127 -5.99 0.74 -18.31
N PHE A 128 -4.81 0.28 -17.88
CA PHE A 128 -3.70 1.13 -17.51
C PHE A 128 -2.62 1.21 -18.57
N ARG A 129 -2.93 0.82 -19.82
CA ARG A 129 -1.89 0.72 -20.84
C ARG A 129 -1.27 2.07 -21.18
N ALA A 130 -2.03 3.16 -21.04
CA ALA A 130 -1.49 4.47 -21.39
C ALA A 130 -0.35 4.89 -20.48
N LEU A 131 -0.21 4.26 -19.31
CA LEU A 131 0.89 4.60 -18.40
C LEU A 131 2.25 4.21 -18.98
N GLY A 132 2.28 3.20 -19.85
CA GLY A 132 3.56 2.63 -20.24
C GLY A 132 4.26 1.89 -19.12
N CYS A 133 3.50 1.29 -18.22
CA CYS A 133 4.07 0.57 -17.08
C CYS A 133 3.57 -0.87 -17.04
N SER A 134 3.65 -1.57 -18.16
CA SER A 134 3.05 -2.90 -18.25
C SER A 134 3.61 -3.85 -17.19
N GLU A 135 4.92 -3.84 -17.00
CA GLU A 135 5.53 -4.74 -16.02
C GLU A 135 5.07 -4.40 -14.61
N LEU A 136 5.11 -3.12 -14.25
CA LEU A 136 4.70 -2.69 -12.92
C LEU A 136 3.24 -3.07 -12.65
N ILE A 137 2.36 -2.76 -13.59
CA ILE A 137 0.93 -3.00 -13.38
C ILE A 137 0.64 -4.50 -13.30
N SER A 138 1.28 -5.29 -14.18
N SER A 138 1.27 -5.29 -14.18
CA SER A 138 1.06 -6.73 -14.14
CA SER A 138 1.07 -6.73 -14.14
C SER A 138 1.58 -7.34 -12.85
C SER A 138 1.58 -7.33 -12.84
N SER A 139 2.73 -6.86 -12.37
CA SER A 139 3.28 -7.35 -11.10
C SER A 139 2.39 -6.98 -9.93
N ILE A 140 1.76 -5.80 -9.98
CA ILE A 140 0.81 -5.43 -8.93
C ILE A 140 -0.40 -6.35 -8.96
N PHE A 141 -0.91 -6.64 -10.15
CA PHE A 141 -2.02 -7.59 -10.28
C PHE A 141 -1.61 -8.96 -9.74
N ASP A 142 -0.42 -9.43 -10.13
CA ASP A 142 0.06 -10.74 -9.67
C ASP A 142 0.20 -10.76 -8.15
N PHE A 143 0.73 -9.68 -7.58
CA PHE A 143 0.87 -9.59 -6.12
C PHE A 143 -0.50 -9.60 -5.45
N SER A 144 -1.43 -8.79 -5.95
CA SER A 144 -2.78 -8.76 -5.38
C SER A 144 -3.47 -10.11 -5.53
N HIS A 145 -3.20 -10.81 -6.63
CA HIS A 145 -3.83 -12.12 -6.84
C HIS A 145 -3.32 -13.13 -5.81
N SER A 146 -2.04 -13.05 -5.46
N SER A 146 -2.04 -13.05 -5.46
CA SER A 146 -1.49 -13.97 -4.47
CA SER A 146 -1.49 -13.97 -4.48
C SER A 146 -2.10 -13.75 -3.10
C SER A 146 -2.10 -13.75 -3.10
N LEU A 147 -2.24 -12.49 -2.69
CA LEU A 147 -2.86 -12.20 -1.39
C LEU A 147 -4.35 -12.53 -1.42
N SER A 148 -5.02 -12.26 -2.54
CA SER A 148 -6.44 -12.59 -2.66
C SER A 148 -6.67 -14.09 -2.60
N ALA A 149 -5.78 -14.87 -3.21
CA ALA A 149 -5.94 -16.33 -3.20
C ALA A 149 -5.83 -16.88 -1.78
N LEU A 150 -5.08 -16.20 -0.91
CA LEU A 150 -4.98 -16.60 0.48
C LEU A 150 -6.16 -16.11 1.32
N HIS A 151 -7.07 -15.33 0.73
CA HIS A 151 -8.19 -14.73 1.45
C HIS A 151 -7.70 -13.93 2.66
N PHE A 152 -6.68 -13.10 2.42
CA PHE A 152 -6.09 -12.22 3.41
C PHE A 152 -7.16 -11.41 4.14
N SER A 153 -7.40 -11.70 5.41
CA SER A 153 -8.49 -11.07 6.14
C SER A 153 -8.15 -9.62 6.49
N GLU A 154 -9.18 -8.90 6.94
CA GLU A 154 -8.97 -7.51 7.34
C GLU A 154 -8.00 -7.40 8.51
N ASP A 155 -8.13 -8.30 9.48
CA ASP A 155 -7.21 -8.28 10.63
C ASP A 155 -5.80 -8.69 10.21
N GLU A 156 -5.68 -9.63 9.28
CA GLU A 156 -4.36 -10.01 8.80
C GLU A 156 -3.71 -8.88 8.03
N ILE A 157 -4.49 -8.13 7.25
CA ILE A 157 -3.94 -6.97 6.53
C ILE A 157 -3.51 -5.90 7.52
N ALA A 158 -4.29 -5.69 8.58
CA ALA A 158 -3.93 -4.72 9.61
C ALA A 158 -2.58 -5.05 10.22
N LEU A 159 -2.40 -6.31 10.65
CA LEU A 159 -1.18 -6.69 11.34
C LEU A 159 -0.01 -6.79 10.38
N TYR A 160 -0.25 -7.25 9.16
CA TYR A 160 0.82 -7.37 8.18
C TYR A 160 1.31 -5.99 7.73
N THR A 161 0.38 -5.06 7.49
CA THR A 161 0.81 -3.72 7.04
C THR A 161 1.47 -2.94 8.17
N ALA A 162 1.10 -3.21 9.43
CA ALA A 162 1.86 -2.65 10.53
C ALA A 162 3.31 -3.11 10.48
N LEU A 163 3.53 -4.40 10.20
CA LEU A 163 4.88 -4.93 10.10
C LEU A 163 5.61 -4.39 8.88
N VAL A 164 4.90 -4.19 7.77
CA VAL A 164 5.51 -3.55 6.60
C VAL A 164 6.08 -2.20 6.97
N LEU A 165 5.34 -1.43 7.76
CA LEU A 165 5.77 -0.09 8.14
C LEU A 165 6.87 -0.15 9.20
N ILE A 166 6.68 -0.97 10.24
CA ILE A 166 7.62 -1.01 11.36
C ILE A 166 8.68 -2.05 10.99
N ASN A 167 9.65 -1.59 10.20
CA ASN A 167 10.72 -2.43 9.66
C ASN A 167 12.03 -1.86 10.18
N ALA A 168 12.69 -2.59 11.07
CA ALA A 168 13.91 -2.08 11.68
C ALA A 168 15.11 -2.11 10.76
N HIS A 169 14.98 -2.66 9.54
CA HIS A 169 16.10 -2.73 8.62
C HIS A 169 16.20 -1.50 7.71
N ARG A 170 15.26 -0.56 7.81
CA ARG A 170 15.30 0.62 6.96
C ARG A 170 16.61 1.39 7.17
N PRO A 171 17.34 1.72 6.11
CA PRO A 171 18.51 2.59 6.28
C PRO A 171 18.10 3.98 6.74
N GLY A 172 18.90 4.54 7.65
CA GLY A 172 18.67 5.87 8.15
C GLY A 172 18.00 5.96 9.51
N LEU A 173 17.60 4.82 10.09
CA LEU A 173 16.97 4.83 11.39
C LEU A 173 17.97 5.17 12.49
N GLN A 174 17.61 6.12 13.35
CA GLN A 174 18.47 6.51 14.46
C GLN A 174 18.29 5.56 15.66
N GLU A 175 17.05 5.31 16.05
CA GLU A 175 16.76 4.46 17.21
C GLU A 175 16.40 3.06 16.72
N LYS A 176 17.40 2.42 16.12
CA LYS A 176 17.20 1.11 15.49
C LYS A 176 16.72 0.09 16.50
N ARG A 177 17.33 0.07 17.69
CA ARG A 177 16.93 -0.90 18.71
C ARG A 177 15.46 -0.74 19.08
N LYS A 178 14.99 0.51 19.17
CA LYS A 178 13.59 0.74 19.54
C LYS A 178 12.64 0.23 18.46
N VAL A 179 12.98 0.45 17.19
CA VAL A 179 12.16 -0.09 16.12
C VAL A 179 12.22 -1.61 16.12
N GLU A 180 13.38 -2.18 16.44
CA GLU A 180 13.51 -3.63 16.55
C GLU A 180 12.55 -4.19 17.59
N GLN A 181 12.45 -3.54 18.75
CA GLN A 181 11.53 -4.02 19.78
C GLN A 181 10.09 -3.90 19.33
N LEU A 182 9.73 -2.78 18.69
N LEU A 182 9.74 -2.79 18.68
CA LEU A 182 8.37 -2.62 18.19
CA LEU A 182 8.37 -2.62 18.19
C LEU A 182 8.06 -3.65 17.10
C LEU A 182 8.05 -3.62 17.09
N GLN A 183 9.02 -3.91 16.22
CA GLN A 183 8.82 -4.90 15.17
C GLN A 183 8.59 -6.28 15.76
N TYR A 184 9.36 -6.64 16.81
CA TYR A 184 9.22 -7.95 17.42
C TYR A 184 7.86 -8.11 18.09
N ASN A 185 7.40 -7.07 18.79
CA ASN A 185 6.08 -7.14 19.41
C ASN A 185 4.98 -7.27 18.37
N LEU A 186 5.12 -6.55 17.25
CA LEU A 186 4.13 -6.68 16.19
C LEU A 186 4.22 -8.03 15.49
N GLU A 187 5.42 -8.61 15.42
CA GLU A 187 5.55 -9.96 14.88
C GLU A 187 4.87 -10.98 15.79
N LEU A 188 5.07 -10.86 17.11
CA LEU A 188 4.35 -11.71 18.04
C LEU A 188 2.84 -11.54 17.89
N ALA A 189 2.37 -10.31 17.74
CA ALA A 189 0.95 -10.05 17.60
C ALA A 189 0.40 -10.71 16.33
N PHE A 190 1.08 -10.51 15.20
CA PHE A 190 0.65 -11.10 13.95
C PHE A 190 0.65 -12.62 14.02
N HIS A 191 1.75 -13.20 14.52
CA HIS A 191 1.85 -14.65 14.56
C HIS A 191 0.92 -15.25 15.62
N HIS A 192 0.71 -14.55 16.74
CA HIS A 192 -0.29 -15.00 17.70
C HIS A 192 -1.68 -15.05 17.08
N HIS A 193 -2.03 -14.01 16.31
CA HIS A 193 -3.34 -13.98 15.68
C HIS A 193 -3.49 -15.11 14.67
N LEU A 194 -2.44 -15.40 13.89
CA LEU A 194 -2.48 -16.52 12.96
C LEU A 194 -2.63 -17.84 13.70
N CYS A 195 -1.93 -18.00 14.84
CA CYS A 195 -2.02 -19.23 15.59
C CYS A 195 -3.42 -19.39 16.18
N LYS A 196 -3.97 -18.31 16.76
CA LYS A 196 -5.28 -18.39 17.38
C LYS A 196 -6.39 -18.62 16.38
N THR A 197 -6.22 -18.16 15.13
CA THR A 197 -7.23 -18.31 14.09
C THR A 197 -6.96 -19.48 13.16
N HIS A 198 -5.98 -20.34 13.48
CA HIS A 198 -5.63 -21.49 12.66
C HIS A 198 -5.26 -21.08 11.24
N ARG A 199 -4.46 -20.02 11.13
CA ARG A 199 -4.06 -19.48 9.83
C ARG A 199 -2.55 -19.47 9.64
N GLN A 200 -1.80 -20.22 10.47
CA GLN A 200 -0.36 -20.23 10.34
C GLN A 200 0.11 -20.85 9.02
N SER A 201 -0.78 -21.58 8.33
CA SER A 201 -0.42 -22.16 7.04
C SER A 201 -0.13 -21.09 5.99
N ILE A 202 -0.54 -19.83 6.21
CA ILE A 202 -0.27 -18.79 5.22
C ILE A 202 1.14 -18.23 5.32
N LEU A 203 1.86 -18.53 6.40
CA LEU A 203 3.20 -17.98 6.58
C LEU A 203 4.11 -18.33 5.40
N ALA A 204 4.12 -19.61 5.00
CA ALA A 204 4.91 -20.04 3.87
C ALA A 204 4.34 -19.57 2.54
N LYS A 205 3.10 -19.12 2.51
CA LYS A 205 2.44 -18.70 1.27
C LYS A 205 2.46 -17.19 1.06
N LEU A 206 2.94 -16.42 2.04
CA LEU A 206 3.04 -14.99 1.86
C LEU A 206 4.14 -14.66 0.86
N PRO A 207 4.01 -13.54 0.13
CA PRO A 207 5.02 -13.20 -0.86
C PRO A 207 6.38 -13.05 -0.21
N PRO A 208 7.45 -13.38 -0.93
CA PRO A 208 8.78 -13.40 -0.33
C PRO A 208 9.27 -12.01 0.04
N ALA A 209 10.37 -11.99 0.78
CA ALA A 209 11.03 -10.74 1.13
C ALA A 209 11.69 -10.14 -0.10
N GLY A 210 11.43 -8.86 -0.34
CA GLY A 210 11.92 -8.17 -1.51
C GLY A 210 10.90 -8.03 -2.62
N LYS A 211 9.82 -8.81 -2.58
CA LYS A 211 8.76 -8.67 -3.59
C LYS A 211 8.09 -7.31 -3.48
N LEU A 212 7.74 -6.90 -2.27
CA LEU A 212 7.18 -5.56 -2.07
C LEU A 212 8.18 -4.48 -2.42
N ALA A 213 9.45 -4.67 -2.03
CA ALA A 213 10.47 -3.70 -2.38
C ALA A 213 10.64 -3.61 -3.89
N SER A 214 10.54 -4.75 -4.58
CA SER A 214 10.63 -4.73 -6.05
C SER A 214 9.51 -3.91 -6.67
N LEU A 215 8.29 -4.04 -6.15
CA LEU A 215 7.18 -3.24 -6.66
C LEU A 215 7.45 -1.76 -6.46
N CYS A 216 7.92 -1.38 -5.26
CA CYS A 216 8.19 0.03 -5.00
C CYS A 216 9.34 0.54 -5.86
N SER A 217 10.37 -0.28 -6.05
N SER A 217 10.37 -0.27 -6.04
CA SER A 217 11.49 0.13 -6.89
CA SER A 217 11.48 0.13 -6.90
C SER A 217 11.03 0.35 -8.33
C SER A 217 11.03 0.35 -8.33
N GLN A 218 10.15 -0.54 -8.82
CA GLN A 218 9.62 -0.38 -10.18
C GLN A 218 8.84 0.93 -10.31
N HIS A 219 8.00 1.24 -9.31
CA HIS A 219 7.23 2.48 -9.36
C HIS A 219 8.16 3.69 -9.42
N VAL A 220 9.20 3.71 -8.60
CA VAL A 220 10.15 4.82 -8.61
C VAL A 220 10.90 4.87 -9.93
N GLU A 221 11.29 3.71 -10.46
CA GLU A 221 12.02 3.68 -11.73
C GLU A 221 11.15 4.20 -12.87
N ARG A 222 9.88 3.80 -12.92
CA ARG A 222 9.01 4.28 -13.99
C ARG A 222 8.72 5.77 -13.84
N LEU A 223 8.55 6.24 -12.60
CA LEU A 223 8.37 7.67 -12.37
C LEU A 223 9.60 8.46 -12.80
N GLN A 224 10.79 7.93 -12.50
CA GLN A 224 12.02 8.57 -12.95
C GLN A 224 12.04 8.72 -14.47
N ILE A 225 11.58 7.69 -15.19
CA ILE A 225 11.52 7.77 -16.65
C ILE A 225 10.47 8.81 -17.08
N PHE A 226 9.28 8.74 -16.50
CA PHE A 226 8.23 9.68 -16.88
C PHE A 226 8.64 11.11 -16.56
N GLN A 227 9.28 11.34 -15.43
CA GLN A 227 9.70 12.70 -15.08
C GLN A 227 10.77 13.21 -16.02
N HIS A 228 11.65 12.33 -16.50
CA HIS A 228 12.61 12.72 -17.52
C HIS A 228 11.90 13.12 -18.81
N LEU A 229 10.78 12.48 -19.13
CA LEU A 229 10.05 12.77 -20.35
C LEU A 229 9.18 14.01 -20.21
N HIS A 230 8.56 14.21 -19.06
CA HIS A 230 7.61 15.31 -18.85
C HIS A 230 7.92 15.99 -17.51
N PRO A 231 9.06 16.68 -17.40
CA PRO A 231 9.39 17.30 -16.12
C PRO A 231 8.39 18.37 -15.69
N ILE A 232 7.86 19.14 -16.64
CA ILE A 232 6.93 20.21 -16.28
C ILE A 232 5.62 19.64 -15.77
N VAL A 233 5.18 18.52 -16.34
CA VAL A 233 3.94 17.87 -15.87
C VAL A 233 4.07 17.47 -14.41
N VAL A 234 5.20 16.86 -14.05
CA VAL A 234 5.42 16.48 -12.66
C VAL A 234 5.47 17.72 -11.79
N GLN A 235 6.20 18.75 -12.23
CA GLN A 235 6.33 19.96 -11.44
C GLN A 235 4.99 20.66 -11.26
N ALA A 236 4.20 20.74 -12.33
CA ALA A 236 3.00 21.56 -12.33
C ALA A 236 1.75 20.82 -11.91
N ALA A 237 1.70 19.49 -12.08
CA ALA A 237 0.45 18.76 -11.90
C ALA A 237 0.57 17.52 -11.03
N PHE A 238 1.79 17.16 -10.53
CA PHE A 238 1.77 16.04 -9.60
C PHE A 238 1.58 16.56 -8.17
N PRO A 239 0.87 15.81 -7.33
CA PRO A 239 0.64 16.25 -5.95
C PRO A 239 1.95 16.42 -5.20
N PRO A 240 2.06 17.46 -4.38
CA PRO A 240 3.33 17.72 -3.68
C PRO A 240 3.77 16.58 -2.77
N LEU A 241 2.84 15.91 -2.10
CA LEU A 241 3.23 14.79 -1.23
C LEU A 241 3.80 13.64 -2.05
N TYR A 242 3.22 13.39 -3.23
CA TYR A 242 3.76 12.37 -4.12
C TYR A 242 5.20 12.69 -4.50
N LYS A 243 5.48 13.95 -4.84
CA LYS A 243 6.84 14.33 -5.22
C LYS A 243 7.80 14.25 -4.04
N GLU A 244 7.34 14.69 -2.87
CA GLU A 244 8.17 14.59 -1.68
C GLU A 244 8.55 13.15 -1.36
N LEU A 245 7.66 12.21 -1.65
CA LEU A 245 7.92 10.81 -1.32
C LEU A 245 8.76 10.10 -2.37
N PHE A 246 8.51 10.37 -3.65
CA PHE A 246 9.06 9.53 -4.72
C PHE A 246 10.06 10.24 -5.61
N SER A 247 9.94 11.54 -5.83
CA SER A 247 10.90 12.26 -6.67
C SER A 247 11.81 13.13 -5.83
N LYS B 3 8.63 17.73 4.72
CA LYS B 3 7.86 18.97 4.79
C LYS B 3 6.38 18.67 5.03
N ILE B 4 5.76 18.04 4.03
CA ILE B 4 4.33 17.70 4.14
C ILE B 4 4.12 16.59 5.16
N LEU B 5 4.98 15.55 5.13
CA LEU B 5 4.90 14.51 6.14
C LEU B 5 5.08 15.09 7.53
N HIS B 6 5.98 16.07 7.66
CA HIS B 6 6.15 16.77 8.94
C HIS B 6 4.84 17.36 9.42
N ARG B 7 4.13 18.07 8.55
CA ARG B 7 2.87 18.69 8.92
C ARG B 7 1.80 17.63 9.19
N LEU B 8 1.75 16.58 8.38
CA LEU B 8 0.76 15.53 8.58
C LEU B 8 0.94 14.84 9.91
N LEU B 9 2.20 14.58 10.31
CA LEU B 9 2.46 13.92 11.58
C LEU B 9 2.11 14.80 12.78
N GLN B 10 2.10 16.11 12.61
CA GLN B 10 1.78 17.03 13.70
C GLN B 10 0.31 17.40 13.76
N GLU B 11 -0.48 17.04 12.76
CA GLU B 11 -1.91 17.32 12.77
C GLU B 11 -2.64 16.33 13.67
C1 A1MAM C . -8.85 4.38 -4.45
C2 A1MAM C . -8.65 2.56 -6.26
C3 A1MAM C . -8.65 1.56 -5.10
C4 A1MAM C . -7.22 2.68 -6.85
C5 A1MAM C . -9.68 4.69 -6.77
C6 A1MAM C . -10.16 6.10 -6.40
N1 A1MAM C . -8.03 2.15 -3.91
N2 A1MAM C . -6.80 1.62 -7.56
N3 A1MAM C . -4.06 0.49 -9.35
O1 A1MAM C . -9.84 4.29 -7.93
C7 A1MAM C . -5.57 1.44 -8.21
C8 A1MAM C . -4.50 2.38 -8.27
C9 A1MAM C . -3.55 1.73 -9.00
C10 A1MAM C . -3.44 -0.58 -10.13
C11 A1MAM C . -2.23 2.20 -9.39
C12 A1MAM C . -1.03 1.70 -8.84
C13 A1MAM C . 0.20 2.22 -9.28
C14 A1MAM C . 0.18 3.24 -10.25
C15 A1MAM C . -2.13 3.23 -10.35
O2 A1MAM C . 1.38 3.78 -10.69
N A1MAM C . -9.09 3.92 -5.84
C A1MAM C . -8.81 3.27 -3.40
O A1MAM C . -6.56 3.70 -6.66
C16 A1MAM C . 1.47 1.76 -8.76
C17 A1MAM C . 1.36 4.84 -11.65
C18 A1MAM C . 2.51 4.64 -12.64
C19 A1MAM C . 1.50 6.16 -10.87
C20 A1MAM C . -5.85 2.08 -2.26
C21 A1MAM C . -5.00 2.47 -3.48
C22 A1MAM C . -5.05 1.26 -1.23
F A1MAM C . -3.18 -0.15 -11.37
F1 A1MAM C . -2.29 -0.95 -9.59
F2 A1MAM C . -4.26 -1.63 -10.21
N4 A1MAM C . -5.31 0.33 -8.84
N5 A1MAM C . -0.96 3.74 -10.77
N6 A1MAM C . 2.49 1.41 -8.34
O3 A1MAM C . -8.21 0.92 -1.68
O4 A1MAM C . -6.81 -0.06 -3.57
S A1MAM C . -7.29 1.10 -2.80
C1 EDO D . 6.38 5.05 -19.42
O1 EDO D . 7.32 4.03 -19.73
C2 EDO D . 6.95 5.93 -18.31
O2 EDO D . 7.43 5.09 -17.26
C1 EDO E . 1.55 22.00 -8.33
O1 EDO E . 2.75 22.57 -8.86
C2 EDO E . 1.86 21.32 -7.00
O2 EDO E . 2.84 20.31 -7.21
C1 EDO F . -8.19 -10.55 0.20
O1 EDO F . -8.86 -10.85 -1.04
C2 EDO F . -8.34 -9.06 0.50
O2 EDO F . -9.71 -8.74 0.72
C ACT G . -3.03 -23.36 10.88
O ACT G . -2.62 -22.61 11.81
OXT ACT G . -2.87 -23.22 9.63
CH3 ACT G . -3.84 -24.62 11.30
#